data_9HO0
#
_entry.id   9HO0
#
_cell.length_a   50.851
_cell.length_b   91.441
_cell.length_c   124.073
_cell.angle_alpha   90.000
_cell.angle_beta   90.000
_cell.angle_gamma   90.000
#
_symmetry.space_group_name_H-M   'P 21 21 21'
#
loop_
_entity.id
_entity.type
_entity.pdbx_description
1 polymer 'Aspartyl/asparaginyl beta-hydroxylase'
2 polymer 'Factor X light chain'
3 non-polymer 'SUCCINIC ACID'
4 non-polymer 'FE (III) ION'
5 water water
#
loop_
_entity_poly.entity_id
_entity_poly.type
_entity_poly.pdbx_seq_one_letter_code
_entity_poly.pdbx_strand_id
1 'polypeptide(L)'
;KPKLLNKFDKTIKAELDAAEKLRKRGKIEEAVNAFKELVRKYPQSPRARYGKAQCEDDLAEKRRSNEVLRGAIETYQEVA
SLPDVPADLLKLSLKRRSDRQQFLGHMRGSLLTLQRLVQLFPNDTSLKNDLGVGYLLIGDNDNAKKVYEEVLSVTPNDGF
AKVHYGFILKAQNKIAESIPYLKEGIESGDPGTDDGRFYFHLGDAMQRVGNKEAYKWYELGHKRGHFASVWQRSLYNVNG
LKAQPWWTPKETGYTELVKSLERNWKLIRDEGLAVMDKAKGLFLPEDENLREKGDWSQFTLWQQGRRNENACKGAPKTCT
LLEKFPETTGCRRGQIKYSIMHPGTHVWPHTGPTNCRLRMHLGLVIPKEGCKIRCANETKTWEEGKVLIFDDSFEHEVWQ
DASSFRLIFIVDVWHPELTPQQRRSLPAI
;
A
2 'polypeptide(L)' DGDQSETSPSQNQGKCK(BH2)GLGEYTCTSLEGFEGKNSELF B
#
loop_
_chem_comp.id
_chem_comp.type
_chem_comp.name
_chem_comp.formula
FE non-polymer 'FE (III) ION' 'Fe 3'
SIN non-polymer 'SUCCINIC ACID' 'C4 H6 O4'
#
# COMPACT_ATOMS: atom_id res chain seq x y z
C LYS A 1 -13.85 28.11 -16.03
N PRO A 2 -13.29 27.80 -14.86
CA PRO A 2 -14.08 27.87 -13.62
C PRO A 2 -14.34 29.31 -13.23
N LYS A 3 -15.50 29.53 -12.61
CA LYS A 3 -15.90 30.87 -12.14
C LYS A 3 -15.42 31.00 -10.70
N LEU A 4 -14.32 31.74 -10.51
CA LEU A 4 -13.69 31.88 -9.21
C LEU A 4 -13.74 33.28 -8.64
N LEU A 5 -14.24 34.26 -9.40
CA LEU A 5 -14.29 35.65 -8.97
C LEU A 5 -15.74 36.04 -8.74
N ASN A 6 -16.08 36.34 -7.49
CA ASN A 6 -17.40 36.85 -7.17
C ASN A 6 -17.50 38.31 -7.65
N LYS A 7 -18.54 39.02 -7.19
CA LYS A 7 -18.76 40.39 -7.66
C LYS A 7 -17.63 41.31 -7.22
N PHE A 8 -17.28 41.28 -5.92
CA PHE A 8 -16.26 42.20 -5.43
C PHE A 8 -14.90 41.89 -6.05
N ASP A 9 -14.54 40.60 -6.14
CA ASP A 9 -13.25 40.24 -6.72
C ASP A 9 -13.12 40.74 -8.16
N LYS A 10 -14.24 40.89 -8.87
CA LYS A 10 -14.18 41.42 -10.23
C LYS A 10 -13.72 42.88 -10.23
N THR A 11 -14.06 43.65 -9.19
CA THR A 11 -13.65 45.05 -9.13
C THR A 11 -12.16 45.20 -8.82
N ILE A 12 -11.46 44.12 -8.50
CA ILE A 12 -10.05 44.17 -8.16
C ILE A 12 -9.31 43.06 -8.88
N LYS A 13 -9.84 42.62 -10.03
CA LYS A 13 -9.22 41.54 -10.79
C LYS A 13 -7.78 41.87 -11.17
N ALA A 14 -7.50 43.15 -11.46
CA ALA A 14 -6.16 43.53 -11.88
C ALA A 14 -5.14 43.29 -10.77
N GLU A 15 -5.45 43.73 -9.54
CA GLU A 15 -4.56 43.50 -8.42
C GLU A 15 -4.38 42.01 -8.12
N LEU A 16 -5.40 41.19 -8.41
CA LEU A 16 -5.31 39.77 -8.15
C LEU A 16 -4.47 39.07 -9.21
N ASP A 17 -4.70 39.40 -10.49
CA ASP A 17 -3.94 38.76 -11.56
C ASP A 17 -2.46 39.07 -11.45
N ALA A 18 -2.13 40.26 -10.94
CA ALA A 18 -0.72 40.63 -10.77
C ALA A 18 -0.01 39.67 -9.83
N ALA A 19 -0.59 39.42 -8.65
CA ALA A 19 0.01 38.50 -7.70
C ALA A 19 0.06 37.08 -8.26
N GLU A 20 -1.01 36.65 -8.94
CA GLU A 20 -0.99 35.34 -9.59
C GLU A 20 0.15 35.25 -10.61
N LYS A 21 0.51 36.37 -11.24
CA LYS A 21 1.63 36.36 -12.18
C LYS A 21 2.94 36.06 -11.47
N LEU A 22 3.20 36.74 -10.36
CA LEU A 22 4.42 36.47 -9.61
C LEU A 22 4.50 35.01 -9.15
N ARG A 23 3.36 34.40 -8.85
CA ARG A 23 3.36 32.99 -8.48
C ARG A 23 3.62 32.11 -9.69
N LYS A 24 2.95 32.39 -10.81
CA LYS A 24 3.15 31.59 -12.02
C LYS A 24 4.57 31.72 -12.54
N ARG A 25 5.26 32.83 -12.24
CA ARG A 25 6.63 33.00 -12.69
C ARG A 25 7.62 32.20 -11.86
N GLY A 26 7.30 31.95 -10.59
CA GLY A 26 8.18 31.22 -9.68
C GLY A 26 8.69 32.03 -8.50
N LYS A 27 8.29 33.29 -8.33
CA LYS A 27 8.69 34.08 -7.18
C LYS A 27 7.66 33.89 -6.07
N ILE A 28 7.80 32.78 -5.34
CA ILE A 28 6.83 32.41 -4.32
C ILE A 28 6.89 33.38 -3.14
N GLU A 29 8.09 33.67 -2.64
CA GLU A 29 8.24 34.56 -1.50
C GLU A 29 7.69 35.94 -1.80
N GLU A 30 7.79 36.39 -3.05
CA GLU A 30 7.22 37.69 -3.42
C GLU A 30 5.70 37.61 -3.53
N ALA A 31 5.16 36.43 -3.86
CA ALA A 31 3.73 36.29 -4.03
C ALA A 31 3.01 36.11 -2.69
N VAL A 32 3.58 35.31 -1.79
CA VAL A 32 2.98 35.19 -0.46
C VAL A 32 2.82 36.57 0.17
N ASN A 33 3.84 37.42 0.04
CA ASN A 33 3.76 38.75 0.61
C ASN A 33 2.73 39.60 -0.13
N ALA A 34 2.55 39.35 -1.43
CA ALA A 34 1.62 40.16 -2.20
C ALA A 34 0.18 39.76 -1.92
N PHE A 35 -0.08 38.44 -1.80
CA PHE A 35 -1.41 38.02 -1.39
C PHE A 35 -1.66 38.33 0.08
N LYS A 36 -0.60 38.30 0.89
CA LYS A 36 -0.77 38.65 2.30
C LYS A 36 -1.20 40.11 2.44
N GLU A 37 -0.62 41.00 1.62
CA GLU A 37 -1.00 42.40 1.67
C GLU A 37 -2.41 42.61 1.12
N LEU A 38 -2.81 41.82 0.11
CA LEU A 38 -4.17 41.90 -0.40
C LEU A 38 -5.19 41.41 0.63
N VAL A 39 -4.84 40.37 1.39
CA VAL A 39 -5.75 39.90 2.43
C VAL A 39 -5.87 40.95 3.53
N ARG A 40 -4.76 41.63 3.86
CA ARG A 40 -4.83 42.73 4.79
C ARG A 40 -5.75 43.83 4.27
N LYS A 41 -5.65 44.14 2.98
CA LYS A 41 -6.43 45.23 2.42
C LYS A 41 -7.88 44.83 2.24
N TYR A 42 -8.12 43.63 1.69
CA TYR A 42 -9.46 43.14 1.37
C TYR A 42 -9.70 41.86 2.15
N PRO A 43 -10.01 41.97 3.44
CA PRO A 43 -10.11 40.76 4.28
C PRO A 43 -11.21 39.80 3.88
N GLN A 44 -12.15 40.20 3.02
CA GLN A 44 -13.27 39.34 2.65
C GLN A 44 -13.20 38.88 1.21
N SER A 45 -12.02 38.99 0.57
CA SER A 45 -11.86 38.54 -0.79
C SER A 45 -11.58 37.04 -0.82
N PRO A 46 -12.46 36.22 -1.42
CA PRO A 46 -12.15 34.80 -1.50
C PRO A 46 -10.95 34.49 -2.37
N ARG A 47 -10.79 35.22 -3.49
CA ARG A 47 -9.69 34.93 -4.40
C ARG A 47 -8.33 35.28 -3.77
N ALA A 48 -8.28 36.38 -3.00
CA ALA A 48 -7.03 36.74 -2.33
C ALA A 48 -6.65 35.72 -1.26
N ARG A 49 -7.63 35.22 -0.52
CA ARG A 49 -7.34 34.17 0.45
C ARG A 49 -6.86 32.91 -0.24
N TYR A 50 -7.53 32.52 -1.33
CA TYR A 50 -7.12 31.35 -2.09
C TYR A 50 -5.71 31.51 -2.61
N GLY A 51 -5.35 32.71 -3.05
CA GLY A 51 -4.01 32.94 -3.56
C GLY A 51 -2.94 32.79 -2.49
N LYS A 52 -3.22 33.30 -1.29
CA LYS A 52 -2.27 33.12 -0.19
C LYS A 52 -2.08 31.65 0.15
N ALA A 53 -3.18 30.89 0.20
CA ALA A 53 -3.07 29.46 0.48
C ALA A 53 -2.29 28.74 -0.61
N GLN A 54 -2.51 29.13 -1.87
CA GLN A 54 -1.82 28.48 -2.98
C GLN A 54 -0.34 28.80 -2.96
N CYS A 55 0.03 30.05 -2.64
CA CYS A 55 1.45 30.38 -2.51
C CYS A 55 2.07 29.64 -1.33
N GLU A 56 1.35 29.55 -0.22
CA GLU A 56 1.86 28.75 0.90
C GLU A 56 2.04 27.30 0.51
N ASP A 57 1.09 26.75 -0.25
CA ASP A 57 1.22 25.39 -0.77
C ASP A 57 2.50 25.23 -1.57
N ASP A 58 2.77 26.15 -2.49
CA ASP A 58 3.97 26.05 -3.31
C ASP A 58 5.22 26.22 -2.46
N LEU A 59 5.18 27.15 -1.49
CA LEU A 59 6.35 27.38 -0.65
C LEU A 59 6.72 26.13 0.15
N ALA A 60 5.71 25.44 0.69
CA ALA A 60 5.97 24.23 1.47
C ALA A 60 6.65 23.17 0.62
N GLU A 61 6.30 23.08 -0.66
CA GLU A 61 6.96 22.13 -1.55
C GLU A 61 8.42 22.49 -1.75
N LYS A 62 8.72 23.77 -1.98
CA LYS A 62 10.11 24.18 -2.17
C LYS A 62 10.94 23.87 -0.93
N ARG A 63 10.39 24.14 0.25
CA ARG A 63 11.12 23.91 1.49
C ARG A 63 10.96 22.48 2.01
N ARG A 64 9.95 21.75 1.54
CA ARG A 64 9.62 20.44 2.10
C ARG A 64 9.23 20.56 3.56
N SER A 65 8.43 21.58 3.87
CA SER A 65 8.05 21.89 5.25
C SER A 65 6.62 21.42 5.50
N ASN A 66 6.43 20.65 6.57
CA ASN A 66 5.09 20.29 6.99
C ASN A 66 4.43 21.40 7.79
N GLU A 67 5.22 22.21 8.50
CA GLU A 67 4.67 23.34 9.23
C GLU A 67 4.07 24.36 8.28
N VAL A 68 4.76 24.66 7.18
CA VAL A 68 4.22 25.60 6.20
C VAL A 68 2.97 25.01 5.54
N LEU A 69 2.99 23.71 5.25
CA LEU A 69 1.83 23.09 4.63
C LEU A 69 0.63 23.11 5.57
N ARG A 70 0.86 22.88 6.87
CA ARG A 70 -0.21 23.01 7.84
C ARG A 70 -0.86 24.38 7.77
N GLY A 71 -0.06 25.43 7.54
CA GLY A 71 -0.60 26.77 7.40
C GLY A 71 -1.47 26.91 6.16
N ALA A 72 -1.01 26.37 5.03
CA ALA A 72 -1.83 26.41 3.83
C ALA A 72 -3.16 25.70 4.04
N ILE A 73 -3.14 24.59 4.79
CA ILE A 73 -4.36 23.84 5.05
C ILE A 73 -5.37 24.70 5.81
N GLU A 74 -4.90 25.49 6.77
CA GLU A 74 -5.79 26.39 7.48
C GLU A 74 -6.27 27.54 6.60
N THR A 75 -5.40 28.04 5.72
CA THR A 75 -5.79 29.12 4.84
C THR A 75 -6.82 28.63 3.82
N TYR A 76 -6.68 27.38 3.37
CA TYR A 76 -7.65 26.81 2.47
C TYR A 76 -9.03 26.75 3.11
N GLN A 77 -9.09 26.51 4.42
CA GLN A 77 -10.38 26.48 5.10
C GLN A 77 -10.94 27.89 5.26
N GLU A 78 -10.08 28.87 5.51
CA GLU A 78 -10.54 30.25 5.63
C GLU A 78 -11.30 30.69 4.37
N VAL A 79 -10.89 30.19 3.21
CA VAL A 79 -11.60 30.54 1.97
C VAL A 79 -13.06 30.16 2.07
N ALA A 80 -13.35 29.05 2.75
CA ALA A 80 -14.71 28.56 2.87
C ALA A 80 -15.52 29.28 3.95
N SER A 81 -14.86 30.01 4.86
CA SER A 81 -15.56 30.76 5.90
C SER A 81 -15.93 32.17 5.44
N LEU A 82 -15.36 32.65 4.35
CA LEU A 82 -15.59 34.01 3.87
C LEU A 82 -16.96 34.10 3.21
N PRO A 83 -17.44 35.33 2.97
CA PRO A 83 -18.78 35.49 2.41
C PRO A 83 -18.81 35.47 0.88
N ASP A 84 -19.90 34.93 0.36
CA ASP A 84 -20.18 34.92 -1.07
C ASP A 84 -19.02 34.30 -1.86
N VAL A 85 -18.58 33.12 -1.42
CA VAL A 85 -17.51 32.40 -2.09
C VAL A 85 -18.08 31.69 -3.31
N PRO A 86 -17.56 31.93 -4.52
CA PRO A 86 -18.07 31.20 -5.68
C PRO A 86 -17.93 29.69 -5.48
N ALA A 87 -18.91 28.95 -5.99
CA ALA A 87 -18.99 27.51 -5.74
C ALA A 87 -17.80 26.77 -6.33
N ASP A 88 -17.32 27.19 -7.50
CA ASP A 88 -16.14 26.57 -8.08
C ASP A 88 -14.92 26.81 -7.20
N LEU A 89 -14.81 28.02 -6.61
CA LEU A 89 -13.69 28.32 -5.73
C LEU A 89 -13.78 27.55 -4.42
N LEU A 90 -15.00 27.43 -3.87
CA LEU A 90 -15.18 26.68 -2.64
C LEU A 90 -14.75 25.22 -2.81
N LYS A 91 -15.14 24.59 -3.92
CA LYS A 91 -14.79 23.19 -4.14
C LYS A 91 -13.29 23.02 -4.34
N LEU A 92 -12.65 23.90 -5.12
CA LEU A 92 -11.21 23.80 -5.34
C LEU A 92 -10.45 23.93 -4.05
N SER A 93 -10.87 24.86 -3.19
CA SER A 93 -10.12 25.14 -1.96
C SER A 93 -10.14 23.94 -1.01
N LEU A 94 -11.33 23.35 -0.80
CA LEU A 94 -11.44 22.26 0.16
C LEU A 94 -10.96 20.93 -0.39
N LYS A 95 -11.07 20.71 -1.70
CA LYS A 95 -10.49 19.50 -2.28
C LYS A 95 -8.99 19.49 -2.08
N ARG A 96 -8.32 20.61 -2.37
CA ARG A 96 -6.89 20.71 -2.14
C ARG A 96 -6.56 20.58 -0.65
N ARG A 97 -7.39 21.15 0.21
CA ARG A 97 -7.22 20.95 1.65
C ARG A 97 -7.23 19.46 1.98
N SER A 98 -8.24 18.74 1.48
CA SER A 98 -8.35 17.30 1.75
C SER A 98 -7.14 16.56 1.18
N ASP A 99 -6.81 16.85 -0.08
CA ASP A 99 -5.69 16.19 -0.72
C ASP A 99 -4.41 16.34 0.10
N ARG A 100 -4.05 17.58 0.41
CA ARG A 100 -2.82 17.84 1.16
C ARG A 100 -2.93 17.40 2.61
N GLN A 101 -4.15 17.30 3.15
CA GLN A 101 -4.32 16.71 4.48
C GLN A 101 -3.92 15.24 4.48
N GLN A 102 -4.14 14.54 3.36
CA GLN A 102 -3.77 13.14 3.26
C GLN A 102 -2.27 12.98 3.13
N PHE A 103 -1.60 13.90 2.43
CA PHE A 103 -0.14 13.81 2.27
C PHE A 103 0.56 13.86 3.63
N LEU A 104 0.05 14.67 4.55
CA LEU A 104 0.61 14.74 5.89
C LEU A 104 0.22 13.54 6.74
N GLY A 105 -0.79 12.77 6.34
CA GLY A 105 -1.26 11.66 7.12
C GLY A 105 -2.39 11.96 8.07
N HIS A 106 -3.03 13.14 7.96
CA HIS A 106 -4.19 13.47 8.77
C HIS A 106 -5.47 12.94 8.09
N MET A 107 -5.53 11.61 8.01
CA MET A 107 -6.61 10.97 7.29
C MET A 107 -7.97 11.36 7.84
N ARG A 108 -8.11 11.40 9.16
CA ARG A 108 -9.38 11.79 9.75
C ARG A 108 -9.74 13.23 9.38
N GLY A 109 -8.73 14.10 9.27
CA GLY A 109 -8.99 15.47 8.85
C GLY A 109 -9.49 15.56 7.42
N SER A 110 -8.83 14.84 6.50
CA SER A 110 -9.32 14.78 5.13
C SER A 110 -10.74 14.26 5.06
N LEU A 111 -11.05 13.22 5.84
CA LEU A 111 -12.39 12.66 5.81
C LEU A 111 -13.42 13.70 6.23
N LEU A 112 -13.12 14.43 7.32
CA LEU A 112 -14.03 15.49 7.75
C LEU A 112 -14.19 16.57 6.69
N THR A 113 -13.10 16.90 6.00
CA THR A 113 -13.18 17.89 4.93
C THR A 113 -14.03 17.38 3.78
N LEU A 114 -13.86 16.11 3.42
CA LEU A 114 -14.65 15.56 2.31
C LEU A 114 -16.11 15.40 2.70
N GLN A 115 -16.38 15.02 3.94
CA GLN A 115 -17.77 14.96 4.40
C GLN A 115 -18.47 16.32 4.26
N ARG A 116 -17.76 17.39 4.61
CA ARG A 116 -18.32 18.73 4.42
C ARG A 116 -18.52 19.05 2.95
N LEU A 117 -17.63 18.55 2.08
CA LEU A 117 -17.77 18.82 0.65
C LEU A 117 -18.99 18.12 0.08
N VAL A 118 -19.27 16.88 0.53
CA VAL A 118 -20.38 16.13 -0.01
C VAL A 118 -21.71 16.69 0.49
N GLN A 119 -21.70 17.34 1.66
CA GLN A 119 -22.93 17.94 2.17
C GLN A 119 -23.22 19.28 1.50
N LEU A 120 -22.18 20.06 1.19
CA LEU A 120 -22.39 21.33 0.51
C LEU A 120 -22.79 21.14 -0.94
N PHE A 121 -22.35 20.04 -1.56
CA PHE A 121 -22.64 19.75 -2.97
C PHE A 121 -23.21 18.33 -3.03
N PRO A 122 -24.52 18.17 -2.83
CA PRO A 122 -25.08 16.81 -2.70
C PRO A 122 -25.23 16.06 -4.01
N ASN A 123 -25.01 16.70 -5.15
CA ASN A 123 -25.24 16.08 -6.45
C ASN A 123 -23.96 15.83 -7.24
N ASP A 124 -22.79 16.16 -6.69
CA ASP A 124 -21.53 15.90 -7.36
C ASP A 124 -21.10 14.49 -6.96
N THR A 125 -21.25 13.54 -7.88
CA THR A 125 -20.89 12.16 -7.59
C THR A 125 -19.38 11.98 -7.48
N SER A 126 -18.61 12.79 -8.19
CA SER A 126 -17.15 12.66 -8.12
C SER A 126 -16.64 12.94 -6.71
N LEU A 127 -17.35 13.78 -5.96
CA LEU A 127 -16.93 14.05 -4.59
C LEU A 127 -17.21 12.86 -3.70
N LYS A 128 -18.39 12.26 -3.82
CA LYS A 128 -18.68 11.05 -3.08
C LYS A 128 -17.66 9.97 -3.40
N ASN A 129 -17.27 9.87 -4.68
CA ASN A 129 -16.20 8.94 -5.04
C ASN A 129 -14.91 9.26 -4.30
N ASP A 130 -14.56 10.54 -4.22
CA ASP A 130 -13.36 10.92 -3.47
C ASP A 130 -13.52 10.68 -1.99
N LEU A 131 -14.75 10.75 -1.48
CA LEU A 131 -14.96 10.42 -0.07
C LEU A 131 -14.78 8.93 0.18
N GLY A 132 -15.21 8.09 -0.78
CA GLY A 132 -14.98 6.66 -0.65
C GLY A 132 -13.51 6.31 -0.57
N VAL A 133 -12.66 7.05 -1.28
CA VAL A 133 -11.23 6.83 -1.16
C VAL A 133 -10.75 7.18 0.23
N GLY A 134 -11.29 8.27 0.79
CA GLY A 134 -10.96 8.63 2.16
C GLY A 134 -11.19 7.50 3.14
N TYR A 135 -12.36 6.84 3.03
CA TYR A 135 -12.67 5.72 3.90
C TYR A 135 -11.75 4.53 3.65
N LEU A 136 -11.36 4.31 2.39
CA LEU A 136 -10.47 3.19 2.10
C LEU A 136 -9.07 3.42 2.66
N LEU A 137 -8.60 4.66 2.66
CA LEU A 137 -7.27 4.95 3.15
C LEU A 137 -7.16 4.87 4.67
N ILE A 138 -8.28 4.93 5.40
CA ILE A 138 -8.29 4.79 6.84
C ILE A 138 -8.67 3.37 7.28
N GLY A 139 -9.00 2.49 6.33
CA GLY A 139 -9.34 1.12 6.66
C GLY A 139 -10.79 0.89 7.05
N ASP A 140 -11.72 1.68 6.50
CA ASP A 140 -13.14 1.54 6.80
C ASP A 140 -13.84 1.08 5.53
N ASN A 141 -13.73 -0.22 5.24
CA ASN A 141 -14.30 -0.77 4.01
C ASN A 141 -15.82 -0.74 4.03
N ASP A 142 -16.45 -0.72 5.21
CA ASP A 142 -17.91 -0.74 5.27
C ASP A 142 -18.50 0.61 4.88
N ASN A 143 -17.90 1.71 5.37
CA ASN A 143 -18.40 3.03 5.00
C ASN A 143 -18.07 3.37 3.56
N ALA A 144 -16.93 2.92 3.05
CA ALA A 144 -16.64 3.10 1.64
C ALA A 144 -17.64 2.34 0.77
N LYS A 145 -18.16 1.21 1.27
CA LYS A 145 -19.13 0.44 0.52
C LYS A 145 -20.46 1.19 0.41
N LYS A 146 -20.92 1.77 1.52
CA LYS A 146 -22.16 2.55 1.47
C LYS A 146 -22.07 3.69 0.48
N VAL A 147 -20.89 4.33 0.38
CA VAL A 147 -20.75 5.48 -0.50
C VAL A 147 -20.88 5.05 -1.95
N TYR A 148 -20.06 4.09 -2.37
CA TYR A 148 -20.08 3.67 -3.78
C TYR A 148 -21.39 3.02 -4.16
N GLU A 149 -22.13 2.46 -3.20
CA GLU A 149 -23.46 1.97 -3.51
C GLU A 149 -24.40 3.12 -3.89
N GLU A 150 -24.30 4.23 -3.16
CA GLU A 150 -25.11 5.40 -3.48
C GLU A 150 -24.73 5.97 -4.84
N VAL A 151 -23.43 6.06 -5.13
CA VAL A 151 -22.99 6.56 -6.42
C VAL A 151 -23.55 5.71 -7.55
N LEU A 152 -23.50 4.39 -7.39
CA LEU A 152 -24.02 3.51 -8.43
C LEU A 152 -25.55 3.54 -8.51
N SER A 153 -26.23 3.90 -7.42
CA SER A 153 -27.69 4.04 -7.47
C SER A 153 -28.13 5.32 -8.16
N VAL A 154 -27.22 6.28 -8.35
CA VAL A 154 -27.53 7.54 -9.02
C VAL A 154 -26.99 7.48 -10.44
N THR A 155 -25.68 7.23 -10.57
CA THR A 155 -25.01 7.05 -11.86
C THR A 155 -24.58 5.60 -11.97
N PRO A 156 -25.39 4.74 -12.61
CA PRO A 156 -25.08 3.29 -12.58
C PRO A 156 -23.83 2.90 -13.36
N ASN A 157 -23.32 3.76 -14.23
CA ASN A 157 -22.24 3.40 -15.14
C ASN A 157 -20.93 4.09 -14.79
N ASP A 158 -20.76 4.51 -13.52
CA ASP A 158 -19.53 5.15 -13.09
C ASP A 158 -18.46 4.06 -12.87
N GLY A 159 -17.41 4.08 -13.69
CA GLY A 159 -16.38 3.04 -13.59
C GLY A 159 -15.55 3.15 -12.33
N PHE A 160 -15.22 4.38 -11.92
CA PHE A 160 -14.48 4.59 -10.68
C PHE A 160 -15.19 3.91 -9.50
N ALA A 161 -16.52 4.02 -9.45
CA ALA A 161 -17.26 3.42 -8.35
C ALA A 161 -17.31 1.90 -8.49
N LYS A 162 -17.40 1.40 -9.73
CA LYS A 162 -17.44 -0.03 -9.93
C LYS A 162 -16.18 -0.71 -9.42
N VAL A 163 -15.00 -0.25 -9.90
CA VAL A 163 -13.74 -0.90 -9.49
C VAL A 163 -13.59 -0.83 -7.97
N HIS A 164 -13.90 0.32 -7.37
CA HIS A 164 -13.76 0.45 -5.93
C HIS A 164 -14.76 -0.42 -5.22
N TYR A 165 -16.00 -0.46 -5.71
CA TYR A 165 -16.98 -1.38 -5.15
C TYR A 165 -16.51 -2.82 -5.31
N GLY A 166 -15.99 -3.17 -6.49
CA GLY A 166 -15.46 -4.50 -6.69
C GLY A 166 -14.26 -4.78 -5.80
N PHE A 167 -13.38 -3.80 -5.62
CA PHE A 167 -12.25 -3.97 -4.70
C PHE A 167 -12.74 -4.28 -3.30
N ILE A 168 -13.80 -3.60 -2.86
CA ILE A 168 -14.33 -3.82 -1.52
C ILE A 168 -14.93 -5.21 -1.41
N LEU A 169 -15.76 -5.60 -2.38
CA LEU A 169 -16.36 -6.92 -2.37
C LEU A 169 -15.28 -8.01 -2.35
N LYS A 170 -14.22 -7.83 -3.13
CA LYS A 170 -13.15 -8.82 -3.18
C LYS A 170 -12.43 -8.92 -1.84
N ALA A 171 -12.22 -7.77 -1.19
CA ALA A 171 -11.61 -7.78 0.13
C ALA A 171 -12.51 -8.42 1.18
N GLN A 172 -13.82 -8.45 0.95
CA GLN A 172 -14.76 -9.10 1.84
C GLN A 172 -14.95 -10.58 1.51
N ASN A 173 -14.13 -11.12 0.61
CA ASN A 173 -14.20 -12.52 0.23
C ASN A 173 -15.44 -12.83 -0.61
N LYS A 174 -15.95 -11.83 -1.33
CA LYS A 174 -17.05 -12.02 -2.28
C LYS A 174 -16.46 -12.11 -3.69
N ILE A 175 -15.72 -13.21 -3.91
CA ILE A 175 -14.90 -13.32 -5.11
C ILE A 175 -15.77 -13.31 -6.36
N ALA A 176 -16.83 -14.13 -6.37
CA ALA A 176 -17.69 -14.23 -7.54
C ALA A 176 -18.42 -12.91 -7.82
N GLU A 177 -18.79 -12.18 -6.76
CA GLU A 177 -19.54 -10.94 -6.92
C GLU A 177 -18.63 -9.79 -7.35
N SER A 178 -17.33 -9.89 -7.09
CA SER A 178 -16.41 -8.79 -7.38
C SER A 178 -16.01 -8.75 -8.85
N ILE A 179 -15.96 -9.90 -9.51
CA ILE A 179 -15.43 -9.95 -10.88
C ILE A 179 -16.20 -9.01 -11.81
N PRO A 180 -17.54 -9.04 -11.89
CA PRO A 180 -18.23 -8.13 -12.82
C PRO A 180 -17.94 -6.65 -12.57
N TYR A 181 -17.86 -6.23 -11.30
CA TYR A 181 -17.63 -4.82 -11.01
C TYR A 181 -16.22 -4.39 -11.39
N LEU A 182 -15.22 -5.24 -11.14
CA LEU A 182 -13.86 -4.88 -11.49
C LEU A 182 -13.64 -4.90 -13.00
N LYS A 183 -14.16 -5.93 -13.68
CA LYS A 183 -13.96 -6.02 -15.12
C LYS A 183 -14.64 -4.86 -15.85
N GLU A 184 -15.92 -4.62 -15.57
CA GLU A 184 -16.62 -3.52 -16.23
C GLU A 184 -15.96 -2.18 -15.89
N GLY A 185 -15.53 -2.02 -14.63
CA GLY A 185 -14.91 -0.77 -14.26
C GLY A 185 -13.63 -0.50 -15.02
N ILE A 186 -12.84 -1.54 -15.26
CA ILE A 186 -11.60 -1.36 -16.01
C ILE A 186 -11.92 -1.12 -17.48
N GLU A 187 -12.89 -1.85 -18.02
CA GLU A 187 -13.27 -1.67 -19.42
C GLU A 187 -13.93 -0.31 -19.66
N SER A 188 -14.47 0.32 -18.61
CA SER A 188 -15.07 1.64 -18.79
C SER A 188 -14.08 2.63 -19.36
N GLY A 189 -12.80 2.50 -19.02
CA GLY A 189 -11.80 3.48 -19.43
C GLY A 189 -11.92 4.82 -18.74
N ASP A 190 -12.77 4.92 -17.72
CA ASP A 190 -12.95 6.18 -17.03
C ASP A 190 -11.67 6.56 -16.28
N PRO A 191 -11.51 7.85 -15.97
CA PRO A 191 -10.31 8.25 -15.20
C PRO A 191 -10.22 7.51 -13.87
N GLY A 192 -9.01 7.03 -13.56
CA GLY A 192 -8.79 6.36 -12.31
C GLY A 192 -9.03 4.87 -12.33
N THR A 193 -9.47 4.32 -13.45
CA THR A 193 -9.70 2.88 -13.56
C THR A 193 -8.48 2.13 -14.06
N ASP A 194 -7.57 2.81 -14.74
CA ASP A 194 -6.33 2.18 -15.23
C ASP A 194 -5.29 2.23 -14.11
N ASP A 195 -5.54 1.39 -13.10
CA ASP A 195 -4.70 1.29 -11.92
C ASP A 195 -4.32 -0.17 -11.69
N GLY A 196 -3.04 -0.41 -11.40
CA GLY A 196 -2.56 -1.77 -11.27
C GLY A 196 -3.29 -2.59 -10.23
N ARG A 197 -3.77 -1.94 -9.16
CA ARG A 197 -4.46 -2.67 -8.10
C ARG A 197 -5.65 -3.45 -8.62
N PHE A 198 -6.41 -2.87 -9.55
CA PHE A 198 -7.63 -3.53 -10.01
C PHE A 198 -7.32 -4.64 -11.03
N TYR A 199 -6.27 -4.47 -11.83
CA TYR A 199 -5.82 -5.60 -12.65
C TYR A 199 -5.34 -6.74 -11.77
N PHE A 200 -4.54 -6.42 -10.75
CA PHE A 200 -4.04 -7.44 -9.83
C PHE A 200 -5.18 -8.23 -9.21
N HIS A 201 -6.19 -7.53 -8.68
CA HIS A 201 -7.25 -8.21 -7.93
C HIS A 201 -8.27 -8.88 -8.84
N LEU A 202 -8.45 -8.40 -10.07
CA LEU A 202 -9.38 -9.08 -10.98
C LEU A 202 -8.81 -10.44 -11.39
N GLY A 203 -7.55 -10.48 -11.82
CA GLY A 203 -6.94 -11.75 -12.19
C GLY A 203 -6.92 -12.75 -11.05
N ASP A 204 -6.65 -12.27 -9.83
CA ASP A 204 -6.64 -13.17 -8.69
C ASP A 204 -8.03 -13.72 -8.41
N ALA A 205 -9.05 -12.87 -8.48
CA ALA A 205 -10.41 -13.36 -8.30
C ALA A 205 -10.76 -14.41 -9.33
N MET A 206 -10.41 -14.17 -10.60
CA MET A 206 -10.67 -15.15 -11.63
C MET A 206 -9.89 -16.44 -11.36
N GLN A 207 -8.62 -16.34 -10.96
CA GLN A 207 -7.84 -17.52 -10.66
C GLN A 207 -8.49 -18.37 -9.58
N ARG A 208 -9.21 -17.75 -8.65
CA ARG A 208 -9.77 -18.48 -7.53
C ARG A 208 -11.06 -19.20 -7.88
N VAL A 209 -11.88 -18.61 -8.76
CA VAL A 209 -13.12 -19.27 -9.17
C VAL A 209 -12.91 -20.26 -10.31
N GLY A 210 -11.69 -20.39 -10.80
CA GLY A 210 -11.37 -21.32 -11.86
C GLY A 210 -11.37 -20.73 -13.26
N ASN A 211 -11.66 -19.45 -13.41
CA ASN A 211 -11.71 -18.82 -14.73
C ASN A 211 -10.29 -18.61 -15.27
N LYS A 212 -10.03 -19.15 -16.45
CA LYS A 212 -8.68 -19.11 -17.02
C LYS A 212 -8.39 -17.80 -17.75
N GLU A 213 -9.32 -16.87 -17.80
CA GLU A 213 -9.08 -15.56 -18.39
C GLU A 213 -8.22 -14.65 -17.51
N ALA A 214 -7.84 -15.11 -16.31
CA ALA A 214 -7.06 -14.28 -15.42
C ALA A 214 -5.77 -13.79 -16.08
N TYR A 215 -5.10 -14.68 -16.82
CA TYR A 215 -3.81 -14.30 -17.39
C TYR A 215 -3.96 -13.21 -18.43
N LYS A 216 -5.10 -13.16 -19.13
CA LYS A 216 -5.33 -12.08 -20.09
C LYS A 216 -5.31 -10.72 -19.40
N TRP A 217 -5.86 -10.64 -18.19
CA TRP A 217 -5.82 -9.40 -17.44
C TRP A 217 -4.43 -9.13 -16.87
N TYR A 218 -3.73 -10.19 -16.44
CA TYR A 218 -2.32 -10.03 -16.08
C TYR A 218 -1.52 -9.51 -17.27
N GLU A 219 -1.82 -10.01 -18.46
CA GLU A 219 -1.09 -9.55 -19.65
C GLU A 219 -1.42 -8.11 -19.97
N LEU A 220 -2.69 -7.72 -19.87
CA LEU A 220 -3.07 -6.34 -20.12
C LEU A 220 -2.38 -5.39 -19.14
N GLY A 221 -2.39 -5.75 -17.85
CA GLY A 221 -1.71 -4.92 -16.86
C GLY A 221 -0.23 -4.77 -17.14
N HIS A 222 0.39 -5.83 -17.65
CA HIS A 222 1.80 -5.73 -18.04
C HIS A 222 1.98 -4.79 -19.23
N LYS A 223 1.14 -4.94 -20.26
CA LYS A 223 1.28 -4.11 -21.45
C LYS A 223 1.05 -2.63 -21.13
N ARG A 224 0.15 -2.34 -20.19
CA ARG A 224 -0.15 -0.97 -19.79
C ARG A 224 0.78 -0.45 -18.70
N GLY A 225 1.89 -1.13 -18.45
CA GLY A 225 2.93 -0.62 -17.59
C GLY A 225 2.74 -0.87 -16.10
N HIS A 226 1.69 -1.58 -15.70
CA HIS A 226 1.44 -1.80 -14.28
C HIS A 226 2.34 -2.91 -13.72
N PHE A 227 2.36 -4.07 -14.39
CA PHE A 227 3.16 -5.21 -13.96
C PHE A 227 4.43 -5.28 -14.79
N ALA A 228 5.52 -5.72 -14.14
CA ALA A 228 6.77 -5.89 -14.87
C ALA A 228 6.73 -7.15 -15.73
N SER A 229 5.94 -8.14 -15.34
CA SER A 229 5.72 -9.33 -16.16
C SER A 229 4.36 -9.92 -15.79
N VAL A 230 3.93 -10.90 -16.58
CA VAL A 230 2.73 -11.63 -16.22
C VAL A 230 2.91 -12.37 -14.91
N TRP A 231 4.15 -12.73 -14.58
CA TRP A 231 4.46 -13.45 -13.34
C TRP A 231 4.77 -12.51 -12.18
N GLN A 232 5.54 -11.46 -12.43
CA GLN A 232 5.95 -10.54 -11.37
C GLN A 232 4.94 -9.39 -11.32
N ARG A 233 4.01 -9.46 -10.37
CA ARG A 233 2.87 -8.56 -10.33
C ARG A 233 2.85 -7.72 -9.06
N SER A 234 4.00 -7.53 -8.43
CA SER A 234 4.11 -6.54 -7.37
C SER A 234 3.89 -5.12 -7.90
N LEU A 235 3.46 -4.23 -7.01
CA LEU A 235 3.10 -2.87 -7.38
C LEU A 235 3.95 -1.79 -6.70
N TYR A 236 4.66 -2.12 -5.61
CA TYR A 236 5.51 -1.17 -4.92
C TYR A 236 6.95 -1.52 -5.27
N ASN A 237 7.39 -1.05 -6.43
CA ASN A 237 8.58 -1.59 -7.08
C ASN A 237 9.64 -0.51 -7.28
N VAL A 238 10.89 -0.97 -7.39
CA VAL A 238 12.00 -0.16 -7.86
C VAL A 238 12.46 -0.77 -9.18
N ASN A 239 12.41 0.01 -10.25
CA ASN A 239 12.75 -0.49 -11.57
C ASN A 239 14.25 -0.72 -11.70
N GLY A 240 14.61 -1.74 -12.47
CA GLY A 240 16.00 -2.06 -12.75
C GLY A 240 16.54 -3.25 -12.01
N LEU A 241 15.95 -3.61 -10.87
CA LEU A 241 16.47 -4.71 -10.06
C LEU A 241 16.34 -6.04 -10.77
N LYS A 242 17.38 -6.88 -10.65
CA LYS A 242 17.37 -8.19 -11.28
C LYS A 242 16.14 -8.97 -10.84
N ALA A 243 15.54 -9.71 -11.77
CA ALA A 243 14.25 -10.36 -11.56
C ALA A 243 14.33 -11.80 -12.02
N GLN A 244 14.26 -12.74 -11.07
CA GLN A 244 14.25 -14.16 -11.38
C GLN A 244 13.52 -14.87 -10.24
N PRO A 245 12.74 -15.91 -10.52
CA PRO A 245 11.97 -16.55 -9.43
C PRO A 245 12.84 -17.14 -8.33
N TRP A 246 13.86 -17.91 -8.68
CA TRP A 246 14.69 -18.61 -7.70
C TRP A 246 16.13 -18.08 -7.71
N TRP A 247 16.70 -17.91 -6.52
CA TRP A 247 18.04 -17.39 -6.35
C TRP A 247 18.90 -18.41 -5.63
N THR A 248 20.22 -18.39 -5.96
CA THR A 248 21.17 -19.16 -5.18
C THR A 248 21.85 -18.26 -4.15
N PRO A 249 22.29 -18.82 -3.02
CA PRO A 249 23.01 -17.98 -2.03
C PRO A 249 24.13 -17.14 -2.62
N LYS A 250 24.97 -17.71 -3.50
CA LYS A 250 26.05 -16.93 -4.09
C LYS A 250 25.50 -15.78 -4.91
N GLU A 251 24.41 -16.02 -5.66
CA GLU A 251 23.82 -14.95 -6.46
C GLU A 251 23.40 -13.78 -5.59
N THR A 252 22.98 -14.04 -4.33
CA THR A 252 22.54 -12.97 -3.46
C THR A 252 23.71 -12.19 -2.87
N GLY A 253 24.87 -12.83 -2.70
CA GLY A 253 25.94 -12.24 -1.94
C GLY A 253 25.79 -12.28 -0.43
N TYR A 254 24.68 -12.80 0.09
CA TYR A 254 24.44 -12.93 1.52
C TYR A 254 24.90 -14.28 2.04
N THR A 255 26.15 -14.64 1.70
CA THR A 255 26.65 -15.96 2.05
C THR A 255 26.84 -16.11 3.55
N GLU A 256 27.23 -15.05 4.26
CA GLU A 256 27.42 -15.17 5.71
C GLU A 256 26.11 -15.40 6.44
N LEU A 257 25.06 -14.64 6.08
CA LEU A 257 23.75 -14.87 6.68
C LEU A 257 23.29 -16.31 6.44
N VAL A 258 23.47 -16.81 5.21
CA VAL A 258 22.99 -18.15 4.89
C VAL A 258 23.78 -19.18 5.69
N LYS A 259 25.11 -19.10 5.65
CA LYS A 259 25.93 -20.01 6.45
C LYS A 259 25.50 -19.98 7.90
N SER A 260 25.24 -18.79 8.44
CA SER A 260 24.87 -18.70 9.85
C SER A 260 23.56 -19.41 10.13
N LEU A 261 22.56 -19.27 9.24
CA LEU A 261 21.28 -19.94 9.45
C LEU A 261 21.41 -21.44 9.33
N GLU A 262 22.22 -21.91 8.38
CA GLU A 262 22.36 -23.35 8.17
C GLU A 262 23.24 -24.01 9.23
N ARG A 263 24.29 -23.32 9.70
CA ARG A 263 25.13 -23.87 10.76
C ARG A 263 24.37 -23.98 12.08
N ASN A 264 23.44 -23.05 12.35
CA ASN A 264 22.75 -22.96 13.64
C ASN A 264 21.27 -23.29 13.54
N TRP A 265 20.88 -24.10 12.56
CA TRP A 265 19.46 -24.26 12.24
C TRP A 265 18.69 -24.96 13.36
N LYS A 266 19.32 -25.95 14.02
CA LYS A 266 18.61 -26.68 15.07
C LYS A 266 18.27 -25.75 16.23
N LEU A 267 19.19 -24.83 16.55
CA LEU A 267 18.92 -23.83 17.57
C LEU A 267 17.67 -23.00 17.22
N ILE A 268 17.55 -22.58 15.96
CA ILE A 268 16.37 -21.83 15.57
C ILE A 268 15.13 -22.71 15.65
N ARG A 269 15.26 -23.97 15.20
CA ARG A 269 14.15 -24.91 15.29
C ARG A 269 13.66 -25.06 16.72
N ASP A 270 14.59 -25.29 17.66
CA ASP A 270 14.19 -25.65 19.01
C ASP A 270 13.47 -24.51 19.71
N GLU A 271 13.91 -23.26 19.45
CA GLU A 271 13.19 -22.14 20.07
C GLU A 271 11.79 -21.98 19.52
N GLY A 272 11.61 -22.27 18.23
CA GLY A 272 10.27 -22.21 17.67
C GLY A 272 9.37 -23.31 18.21
N LEU A 273 9.91 -24.52 18.36
CA LEU A 273 9.12 -25.60 18.95
C LEU A 273 8.76 -25.28 20.39
N ALA A 274 9.68 -24.63 21.12
CA ALA A 274 9.39 -24.26 22.50
C ALA A 274 8.21 -23.29 22.59
N VAL A 275 8.13 -22.35 21.64
CA VAL A 275 7.00 -21.42 21.61
C VAL A 275 5.71 -22.16 21.24
N MET A 276 5.76 -23.02 20.23
CA MET A 276 4.61 -23.90 19.91
C MET A 276 4.09 -24.60 21.16
N ASP A 277 4.98 -25.19 21.95
CA ASP A 277 4.54 -26.02 23.07
C ASP A 277 4.07 -25.18 24.26
N LYS A 278 4.76 -24.08 24.55
CA LYS A 278 4.52 -23.33 25.79
C LYS A 278 3.95 -21.95 25.56
N ALA A 279 3.81 -21.50 24.33
CA ALA A 279 3.32 -20.15 24.05
C ALA A 279 2.64 -20.11 22.69
N LYS A 280 1.73 -21.06 22.46
CA LYS A 280 1.10 -21.21 21.16
C LYS A 280 0.40 -19.93 20.72
N GLY A 281 -0.11 -19.14 21.68
CA GLY A 281 -0.81 -17.92 21.34
C GLY A 281 0.04 -16.89 20.63
N LEU A 282 1.37 -17.00 20.76
CA LEU A 282 2.24 -16.08 20.02
C LEU A 282 2.24 -16.36 18.53
N PHE A 283 1.73 -17.52 18.12
CA PHE A 283 1.55 -17.81 16.69
C PHE A 283 0.19 -17.26 16.29
N LEU A 284 0.17 -16.32 15.34
CA LEU A 284 -1.05 -15.65 14.93
C LEU A 284 -1.47 -16.15 13.55
N PRO A 285 -2.76 -16.40 13.33
CA PRO A 285 -3.21 -16.86 12.01
C PRO A 285 -2.90 -15.86 10.92
N GLU A 286 -2.62 -16.38 9.73
CA GLU A 286 -2.49 -15.55 8.54
C GLU A 286 -3.82 -14.84 8.28
N ASP A 287 -3.78 -13.51 8.14
CA ASP A 287 -4.97 -12.67 8.07
C ASP A 287 -4.99 -11.83 6.79
N GLU A 288 -4.54 -12.41 5.67
CA GLU A 288 -4.55 -11.72 4.39
C GLU A 288 -5.41 -12.43 3.35
N ASN A 289 -6.21 -13.42 3.77
N ASN A 289 -6.21 -13.42 3.77
CA ASN A 289 -7.13 -14.12 2.88
CA ASN A 289 -7.12 -14.12 2.88
C ASN A 289 -6.40 -14.88 1.77
C ASN A 289 -6.38 -14.85 1.76
N LEU A 290 -5.20 -15.38 2.07
CA LEU A 290 -4.39 -16.08 1.08
C LEU A 290 -4.65 -17.58 1.01
N ARG A 291 -5.43 -18.14 1.93
CA ARG A 291 -5.66 -19.58 1.96
C ARG A 291 -6.97 -19.92 1.27
N GLU A 292 -6.95 -21.00 0.49
CA GLU A 292 -8.20 -21.65 0.13
C GLU A 292 -8.74 -22.45 1.31
N LYS A 293 -7.85 -23.10 2.05
CA LYS A 293 -8.19 -23.97 3.16
C LYS A 293 -6.94 -24.21 3.98
N GLY A 294 -7.12 -24.68 5.21
CA GLY A 294 -6.03 -25.09 6.06
C GLY A 294 -5.78 -24.10 7.19
N ASP A 295 -4.72 -24.40 7.96
CA ASP A 295 -4.28 -23.62 9.10
C ASP A 295 -2.86 -23.17 8.83
N TRP A 296 -2.66 -21.86 8.81
CA TRP A 296 -1.37 -21.25 8.55
C TRP A 296 -1.19 -20.16 9.58
N SER A 297 -0.17 -20.28 10.42
CA SER A 297 0.08 -19.35 11.52
C SER A 297 1.55 -18.94 11.51
N GLN A 298 1.79 -17.73 12.03
CA GLN A 298 3.11 -17.12 11.94
C GLN A 298 3.46 -16.47 13.27
N PHE A 299 4.74 -16.55 13.64
CA PHE A 299 5.26 -15.95 14.87
C PHE A 299 6.37 -14.98 14.45
N THR A 300 6.11 -13.68 14.58
CA THR A 300 6.91 -12.67 13.91
C THR A 300 7.91 -12.02 14.86
N LEU A 301 9.19 -12.06 14.48
CA LEU A 301 10.24 -11.47 15.32
C LEU A 301 10.66 -10.07 14.87
N TRP A 302 10.69 -9.82 13.57
CA TRP A 302 10.97 -8.50 12.99
C TRP A 302 9.94 -8.20 11.92
N GLN A 303 9.51 -6.93 11.87
CA GLN A 303 8.57 -6.46 10.85
C GLN A 303 8.81 -4.99 10.60
N GLN A 304 8.94 -4.62 9.32
CA GLN A 304 9.22 -3.23 8.93
C GLN A 304 10.47 -2.70 9.62
N GLY A 305 11.47 -3.58 9.78
CA GLY A 305 12.74 -3.19 10.38
C GLY A 305 12.68 -2.93 11.86
N ARG A 306 11.59 -3.28 12.53
CA ARG A 306 11.44 -3.07 13.97
C ARG A 306 11.35 -4.43 14.66
N ARG A 307 12.12 -4.58 15.73
CA ARG A 307 12.17 -5.80 16.49
C ARG A 307 11.01 -5.85 17.47
N ASN A 308 10.28 -6.97 17.47
N ASN A 308 10.29 -6.97 17.49
CA ASN A 308 9.22 -7.20 18.45
CA ASN A 308 9.22 -7.20 18.45
C ASN A 308 9.86 -7.64 19.75
C ASN A 308 9.84 -7.66 19.75
N GLU A 309 9.93 -6.75 20.73
CA GLU A 309 10.61 -7.06 21.98
C GLU A 309 10.01 -8.28 22.67
N ASN A 310 8.68 -8.41 22.65
CA ASN A 310 8.05 -9.52 23.34
C ASN A 310 8.33 -10.84 22.63
N ALA A 311 8.25 -10.83 21.29
CA ALA A 311 8.51 -12.06 20.55
C ALA A 311 9.94 -12.53 20.75
N CYS A 312 10.91 -11.61 20.76
CA CYS A 312 12.30 -12.01 20.94
C CYS A 312 12.58 -12.55 22.33
N LYS A 313 11.71 -12.26 23.31
CA LYS A 313 11.85 -12.90 24.60
C LYS A 313 11.48 -14.40 24.55
N GLY A 314 10.72 -14.81 23.54
CA GLY A 314 10.39 -16.21 23.36
C GLY A 314 11.41 -16.96 22.52
N ALA A 315 12.18 -16.24 21.70
CA ALA A 315 13.23 -16.82 20.87
C ALA A 315 14.53 -16.02 21.05
N PRO A 316 15.05 -15.97 22.28
CA PRO A 316 16.16 -15.04 22.56
C PRO A 316 17.45 -15.35 21.80
N LYS A 317 17.81 -16.62 21.64
CA LYS A 317 19.08 -16.92 21.00
C LYS A 317 18.98 -16.67 19.50
N THR A 318 17.85 -17.04 18.89
CA THR A 318 17.64 -16.76 17.47
C THR A 318 17.73 -15.25 17.21
N CYS A 319 17.12 -14.43 18.07
CA CYS A 319 17.17 -12.99 17.87
C CYS A 319 18.60 -12.47 18.00
N THR A 320 19.37 -12.98 18.97
CA THR A 320 20.76 -12.56 19.10
C THR A 320 21.55 -12.91 17.85
N LEU A 321 21.27 -14.07 17.27
CA LEU A 321 21.97 -14.49 16.05
C LEU A 321 21.69 -13.51 14.90
N LEU A 322 20.43 -13.13 14.70
CA LEU A 322 20.06 -12.30 13.58
C LEU A 322 20.49 -10.85 13.74
N GLU A 323 20.80 -10.40 14.96
CA GLU A 323 21.22 -9.01 15.16
C GLU A 323 22.43 -8.64 14.32
N LYS A 324 23.27 -9.62 13.99
CA LYS A 324 24.54 -9.35 13.31
C LYS A 324 24.36 -9.05 11.82
N PHE A 325 23.13 -9.13 11.29
CA PHE A 325 22.91 -9.08 9.85
C PHE A 325 21.88 -8.00 9.53
N PRO A 326 22.32 -6.77 9.31
CA PRO A 326 21.36 -5.69 9.02
C PRO A 326 20.67 -5.83 7.69
N GLU A 327 21.21 -6.65 6.78
CA GLU A 327 20.54 -6.88 5.50
C GLU A 327 19.13 -7.45 5.68
N THR A 328 18.83 -8.08 6.83
CA THR A 328 17.49 -8.58 7.12
C THR A 328 16.81 -7.85 8.26
N THR A 329 17.54 -7.52 9.34
CA THR A 329 16.90 -6.82 10.46
C THR A 329 16.52 -5.40 10.07
N GLY A 330 17.25 -4.80 9.13
CA GLY A 330 16.93 -3.49 8.61
C GLY A 330 16.08 -3.50 7.36
N CYS A 331 15.55 -4.65 6.95
CA CYS A 331 14.67 -4.70 5.78
C CYS A 331 13.29 -4.17 6.16
N ARG A 332 13.11 -2.87 5.98
CA ARG A 332 11.83 -2.23 6.31
C ARG A 332 10.70 -2.64 5.35
N ARG A 333 10.97 -3.51 4.37
CA ARG A 333 9.96 -4.04 3.49
C ARG A 333 9.87 -5.57 3.58
N GLY A 334 10.23 -6.14 4.72
CA GLY A 334 10.16 -7.57 4.90
C GLY A 334 9.98 -7.96 6.35
N GLN A 335 9.97 -9.26 6.60
CA GLN A 335 9.78 -9.76 7.96
C GLN A 335 10.81 -10.86 8.27
N ILE A 336 10.94 -11.15 9.54
CA ILE A 336 11.60 -12.35 10.03
C ILE A 336 10.56 -13.03 10.92
N LYS A 337 10.20 -14.25 10.57
CA LYS A 337 9.14 -14.92 11.30
C LYS A 337 9.22 -16.45 11.15
N TYR A 338 8.79 -17.14 12.19
CA TYR A 338 8.46 -18.55 12.04
C TYR A 338 7.10 -18.67 11.36
N SER A 339 6.95 -19.74 10.58
CA SER A 339 5.71 -19.98 9.84
C SER A 339 5.38 -21.47 9.93
N ILE A 340 4.20 -21.78 10.47
CA ILE A 340 3.76 -23.16 10.64
C ILE A 340 2.55 -23.37 9.73
N MET A 341 2.55 -24.49 9.03
CA MET A 341 1.46 -24.87 8.15
C MET A 341 1.12 -26.33 8.43
N HIS A 342 -0.17 -26.63 8.52
CA HIS A 342 -0.68 -27.95 8.84
C HIS A 342 -1.24 -28.63 7.62
N PRO A 343 -1.45 -29.96 7.69
CA PRO A 343 -2.00 -30.68 6.54
C PRO A 343 -3.37 -30.15 6.11
N GLY A 344 -3.69 -30.36 4.85
CA GLY A 344 -4.91 -29.83 4.29
C GLY A 344 -4.88 -28.35 3.96
N THR A 345 -3.69 -27.76 3.78
CA THR A 345 -3.58 -26.32 3.55
C THR A 345 -3.10 -26.07 2.12
N HIS A 346 -3.80 -25.19 1.42
CA HIS A 346 -3.43 -24.78 0.09
C HIS A 346 -3.53 -23.26 0.04
N VAL A 347 -2.43 -22.61 -0.30
CA VAL A 347 -2.36 -21.16 -0.40
C VAL A 347 -2.56 -20.78 -1.85
N TRP A 348 -3.54 -19.91 -2.12
CA TRP A 348 -3.82 -19.43 -3.46
C TRP A 348 -2.56 -18.87 -4.14
N PRO A 349 -2.46 -18.97 -5.47
CA PRO A 349 -1.38 -18.24 -6.17
C PRO A 349 -1.43 -16.76 -5.85
N HIS A 350 -0.28 -16.20 -5.47
CA HIS A 350 -0.23 -14.80 -5.08
C HIS A 350 1.20 -14.29 -5.20
N THR A 351 1.33 -12.96 -5.16
CA THR A 351 2.62 -12.29 -5.14
C THR A 351 2.70 -11.40 -3.92
N GLY A 352 3.91 -11.12 -3.47
CA GLY A 352 4.13 -10.14 -2.43
C GLY A 352 3.98 -8.72 -2.96
N PRO A 353 4.04 -7.74 -2.05
CA PRO A 353 3.74 -6.36 -2.43
C PRO A 353 4.88 -5.65 -3.14
N THR A 354 6.13 -6.05 -2.87
CA THR A 354 7.29 -5.27 -3.34
C THR A 354 8.33 -6.16 -3.98
N ASN A 355 9.11 -5.58 -4.90
CA ASN A 355 10.24 -6.27 -5.51
C ASN A 355 11.57 -5.94 -4.83
N CYS A 356 11.53 -5.19 -3.73
CA CYS A 356 12.71 -4.72 -3.03
C CYS A 356 13.24 -5.71 -2.00
N ARG A 357 12.65 -6.89 -1.90
CA ARG A 357 13.11 -7.91 -0.96
C ARG A 357 13.25 -9.24 -1.66
N LEU A 358 14.07 -10.09 -1.10
CA LEU A 358 14.11 -11.51 -1.41
C LEU A 358 13.75 -12.27 -0.14
N ARG A 359 13.14 -13.44 -0.32
CA ARG A 359 12.62 -14.21 0.81
C ARG A 359 13.43 -15.48 0.99
N MET A 360 14.01 -15.66 2.15
CA MET A 360 14.72 -16.90 2.49
C MET A 360 13.84 -17.80 3.34
N HIS A 361 13.85 -19.09 3.03
CA HIS A 361 13.17 -20.12 3.83
C HIS A 361 14.21 -21.09 4.38
N LEU A 362 14.32 -21.15 5.69
CA LEU A 362 15.13 -22.17 6.36
C LEU A 362 14.21 -23.30 6.83
N GLY A 363 14.47 -24.52 6.37
CA GLY A 363 13.64 -25.64 6.78
C GLY A 363 13.94 -26.07 8.20
N LEU A 364 12.89 -26.19 9.02
CA LEU A 364 13.04 -26.55 10.42
C LEU A 364 12.45 -27.93 10.73
N VAL A 365 11.16 -28.11 10.46
CA VAL A 365 10.48 -29.39 10.60
C VAL A 365 9.79 -29.57 9.25
N ILE A 366 10.35 -30.46 8.43
CA ILE A 366 9.84 -30.67 7.08
C ILE A 366 9.32 -32.10 6.99
N PRO A 367 8.02 -32.32 6.88
CA PRO A 367 7.54 -33.68 6.61
C PRO A 367 8.14 -34.23 5.32
N LYS A 368 8.32 -35.55 5.30
CA LYS A 368 8.99 -36.19 4.17
C LYS A 368 8.19 -36.08 2.88
N GLU A 369 6.87 -35.98 2.97
CA GLU A 369 6.02 -35.94 1.80
C GLU A 369 4.91 -34.91 2.00
N GLY A 370 4.40 -34.38 0.90
CA GLY A 370 3.19 -33.57 0.89
C GLY A 370 3.41 -32.08 0.85
N CYS A 371 4.63 -31.60 1.08
CA CYS A 371 4.91 -30.17 1.15
C CYS A 371 5.66 -29.73 -0.09
N LYS A 372 5.18 -28.66 -0.72
CA LYS A 372 5.80 -28.15 -1.94
C LYS A 372 5.47 -26.67 -2.10
N ILE A 373 6.37 -25.95 -2.76
CA ILE A 373 6.16 -24.54 -3.04
C ILE A 373 6.48 -24.30 -4.51
N ARG A 374 5.54 -23.70 -5.22
CA ARG A 374 5.76 -23.28 -6.59
C ARG A 374 6.05 -21.79 -6.62
N CYS A 375 7.07 -21.40 -7.37
CA CYS A 375 7.30 -20.00 -7.71
C CYS A 375 7.51 -19.91 -9.21
N ALA A 376 6.63 -19.18 -9.89
CA ALA A 376 6.65 -19.10 -11.36
C ALA A 376 6.34 -20.50 -11.89
N ASN A 377 7.17 -21.07 -12.76
CA ASN A 377 6.88 -22.33 -13.42
C ASN A 377 7.65 -23.51 -12.83
N GLU A 378 8.32 -23.33 -11.68
CA GLU A 378 9.09 -24.40 -11.06
C GLU A 378 8.61 -24.63 -9.64
N THR A 379 8.46 -25.91 -9.27
CA THR A 379 7.99 -26.31 -7.95
C THR A 379 9.14 -26.98 -7.21
N LYS A 380 9.40 -26.54 -5.99
CA LYS A 380 10.49 -27.05 -5.18
C LYS A 380 9.96 -27.53 -3.83
N THR A 381 10.84 -28.19 -3.08
N THR A 381 10.83 -28.19 -3.08
CA THR A 381 10.51 -28.69 -1.75
CA THR A 381 10.50 -28.66 -1.74
C THR A 381 11.53 -28.16 -0.74
C THR A 381 11.52 -28.15 -0.75
N TRP A 382 11.12 -28.13 0.52
CA TRP A 382 12.03 -27.73 1.58
C TRP A 382 12.91 -28.89 2.02
N GLU A 383 13.98 -28.54 2.72
CA GLU A 383 14.89 -29.53 3.30
C GLU A 383 15.33 -29.01 4.64
N GLU A 384 15.23 -29.84 5.68
CA GLU A 384 15.62 -29.43 7.03
C GLU A 384 17.07 -28.97 7.06
N GLY A 385 17.30 -27.80 7.65
CA GLY A 385 18.64 -27.27 7.75
C GLY A 385 19.19 -26.62 6.51
N LYS A 386 18.37 -26.48 5.46
CA LYS A 386 18.81 -25.90 4.18
C LYS A 386 17.98 -24.67 3.88
N VAL A 387 18.63 -23.66 3.32
CA VAL A 387 17.97 -22.40 2.98
C VAL A 387 17.53 -22.44 1.53
N LEU A 388 16.34 -21.91 1.28
CA LEU A 388 15.73 -21.83 -0.03
C LEU A 388 15.41 -20.36 -0.27
N ILE A 389 15.82 -19.83 -1.42
CA ILE A 389 15.72 -18.39 -1.69
C ILE A 389 14.89 -18.19 -2.96
N PHE A 390 13.87 -17.36 -2.85
CA PHE A 390 13.06 -17.03 -4.02
C PHE A 390 12.59 -15.59 -3.90
N ASP A 391 12.19 -15.03 -5.03
CA ASP A 391 11.62 -13.69 -5.08
C ASP A 391 10.10 -13.81 -5.01
N ASP A 392 9.52 -13.45 -3.87
CA ASP A 392 8.08 -13.64 -3.70
C ASP A 392 7.27 -12.58 -4.43
N SER A 393 7.94 -11.65 -5.14
CA SER A 393 7.21 -10.77 -6.06
C SER A 393 6.67 -11.54 -7.26
N PHE A 394 7.20 -12.74 -7.53
CA PHE A 394 6.64 -13.61 -8.54
C PHE A 394 5.50 -14.43 -7.94
N GLU A 395 4.53 -14.76 -8.79
CA GLU A 395 3.43 -15.62 -8.36
C GLU A 395 3.97 -16.92 -7.77
N HIS A 396 3.53 -17.23 -6.55
CA HIS A 396 3.92 -18.48 -5.91
C HIS A 396 2.70 -19.11 -5.24
N GLU A 397 2.74 -20.43 -5.14
CA GLU A 397 1.64 -21.22 -4.60
C GLU A 397 2.22 -22.30 -3.71
N VAL A 398 1.47 -22.68 -2.68
CA VAL A 398 1.97 -23.58 -1.65
C VAL A 398 0.93 -24.66 -1.35
N TRP A 399 1.40 -25.89 -1.15
CA TRP A 399 0.56 -27.01 -0.73
C TRP A 399 1.15 -27.61 0.54
N GLN A 400 0.26 -28.13 1.39
CA GLN A 400 0.65 -28.88 2.57
C GLN A 400 -0.33 -30.05 2.69
N ASP A 401 0.07 -31.21 2.16
CA ASP A 401 -0.74 -32.41 2.20
C ASP A 401 0.04 -33.54 2.86
N ALA A 402 0.74 -33.23 3.93
CA ALA A 402 1.51 -34.21 4.67
C ALA A 402 0.65 -34.77 5.80
N SER A 403 1.26 -35.55 6.69
CA SER A 403 0.57 -36.14 7.83
C SER A 403 0.90 -35.45 9.16
N SER A 404 1.69 -34.38 9.13
CA SER A 404 2.08 -33.69 10.34
C SER A 404 2.43 -32.27 9.93
N PHE A 405 2.74 -31.43 10.91
CA PHE A 405 2.94 -30.00 10.68
C PHE A 405 4.30 -29.74 10.01
N ARG A 406 4.38 -28.58 9.35
CA ARG A 406 5.56 -28.14 8.65
C ARG A 406 5.96 -26.78 9.20
N LEU A 407 7.16 -26.70 9.77
CA LEU A 407 7.68 -25.46 10.34
C LEU A 407 8.86 -24.98 9.51
N ILE A 408 8.83 -23.70 9.09
CA ILE A 408 9.97 -23.07 8.41
C ILE A 408 10.26 -21.74 9.08
N PHE A 409 11.42 -21.20 8.78
CA PHE A 409 11.85 -19.91 9.28
C PHE A 409 12.02 -19.00 8.07
N ILE A 410 11.35 -17.84 8.09
CA ILE A 410 11.32 -16.93 6.96
C ILE A 410 12.18 -15.71 7.26
N VAL A 411 13.12 -15.42 6.37
CA VAL A 411 14.06 -14.30 6.56
C VAL A 411 14.05 -13.47 5.28
N ASP A 412 13.51 -12.25 5.36
CA ASP A 412 13.52 -11.34 4.22
C ASP A 412 14.77 -10.48 4.25
N VAL A 413 15.40 -10.33 3.09
CA VAL A 413 16.57 -9.47 2.91
C VAL A 413 16.26 -8.41 1.87
N TRP A 414 16.94 -7.27 1.98
CA TRP A 414 16.93 -6.29 0.92
C TRP A 414 17.40 -6.93 -0.38
N HIS A 415 16.74 -6.57 -1.48
CA HIS A 415 17.25 -6.96 -2.79
C HIS A 415 18.72 -6.54 -2.89
N PRO A 416 19.62 -7.43 -3.33
CA PRO A 416 21.06 -7.09 -3.31
C PRO A 416 21.45 -5.87 -4.13
N GLU A 417 20.79 -5.62 -5.26
CA GLU A 417 21.19 -4.51 -6.13
C GLU A 417 20.66 -3.16 -5.66
N LEU A 418 20.07 -3.08 -4.46
CA LEU A 418 19.58 -1.82 -3.95
C LEU A 418 20.71 -1.05 -3.29
N THR A 419 20.87 0.23 -3.68
CA THR A 419 21.91 1.06 -3.09
C THR A 419 21.65 1.30 -1.62
N PRO A 420 22.70 1.55 -0.83
CA PRO A 420 22.49 1.87 0.59
C PRO A 420 21.51 3.02 0.81
N GLN A 421 21.47 3.98 -0.11
CA GLN A 421 20.54 5.10 0.03
C GLN A 421 19.10 4.64 -0.15
N GLN A 422 18.83 3.90 -1.22
CA GLN A 422 17.49 3.33 -1.41
C GLN A 422 17.07 2.53 -0.19
N ARG A 423 18.00 1.83 0.45
CA ARG A 423 17.66 1.01 1.62
C ARG A 423 17.30 1.85 2.83
N ARG A 424 17.58 3.15 2.81
CA ARG A 424 17.24 4.03 3.92
C ARG A 424 16.06 4.93 3.62
N SER A 425 15.74 5.17 2.35
CA SER A 425 14.69 6.09 1.96
C SER A 425 13.37 5.41 1.63
N LEU A 426 13.42 4.22 1.03
CA LEU A 426 12.22 3.54 0.59
C LEU A 426 11.20 3.45 1.74
N PRO A 427 9.98 3.93 1.56
CA PRO A 427 8.96 3.76 2.60
C PRO A 427 8.78 2.29 2.97
N ALA A 428 8.46 2.05 4.25
CA ALA A 428 8.29 0.70 4.75
C ALA A 428 7.00 0.08 4.22
N ILE A 429 7.02 -1.23 4.10
CA ILE A 429 5.82 -2.00 3.71
C ILE A 429 5.73 -3.21 4.64
N LYS B 15 -2.00 -4.33 7.08
CA LYS B 15 -0.65 -4.25 6.52
C LYS B 15 -0.45 -5.30 5.42
N CYS B 16 0.51 -5.03 4.54
CA CYS B 16 0.83 -5.90 3.42
C CYS B 16 2.08 -6.69 3.78
N LYS B 17 1.90 -7.94 4.24
CA LYS B 17 3.02 -8.75 4.68
C LYS B 17 3.39 -9.81 3.64
C BH2 B 18 1.98 -11.53 1.15
N BH2 B 18 2.49 -10.77 3.43
O BH2 B 18 2.26 -12.15 0.14
CA BH2 B 18 2.73 -11.82 2.45
CB BH2 B 18 2.30 -13.19 3.03
OB BH2 B 18 2.50 -14.22 2.10
CG BH2 B 18 3.03 -13.54 4.35
OD1 BH2 B 18 2.30 -13.62 5.39
OD2 BH2 B 18 4.27 -13.66 4.29
N GLY B 19 1.04 -10.60 1.22
CA GLY B 19 0.21 -10.28 0.06
C GLY B 19 0.05 -8.81 -0.17
N LEU B 20 -0.98 -8.44 -0.94
CA LEU B 20 -1.23 -7.06 -1.34
C LEU B 20 -2.74 -6.82 -1.31
N GLY B 21 -3.34 -6.98 -0.14
CA GLY B 21 -4.79 -6.94 0.00
C GLY B 21 -5.36 -5.59 0.37
N GLU B 22 -4.51 -4.70 0.87
CA GLU B 22 -4.95 -3.39 1.29
C GLU B 22 -4.97 -2.42 0.10
N TYR B 23 -5.86 -1.42 0.18
CA TYR B 23 -5.90 -0.40 -0.87
C TYR B 23 -4.56 0.31 -0.97
N THR B 24 -3.93 0.57 0.16
CA THR B 24 -2.60 1.15 0.22
C THR B 24 -1.77 0.36 1.23
N CYS B 25 -0.53 0.04 0.85
CA CYS B 25 0.37 -0.69 1.74
C CYS B 25 1.29 0.22 2.51
N THR B 26 1.49 1.44 2.06
CA THR B 26 2.38 2.39 2.72
C THR B 26 1.57 3.41 3.51
N SER B 27 2.28 4.20 4.32
CA SER B 27 1.68 5.21 5.17
C SER B 27 2.35 6.55 4.91
N LEU B 28 1.56 7.57 4.64
CA LEU B 28 2.06 8.90 4.33
C LEU B 28 2.33 9.69 5.61
N GLU B 29 3.50 10.34 5.68
CA GLU B 29 3.86 11.16 6.83
C GLU B 29 4.35 12.52 6.40
N GLY B 30 3.96 12.97 5.20
CA GLY B 30 4.34 14.27 4.72
C GLY B 30 5.67 14.29 4.00
N PHE B 31 6.37 15.43 4.04
CA PHE B 31 7.67 15.56 3.40
C PHE B 31 8.75 14.77 4.15
C1 SIN C . 5.07 -20.69 3.35
O1 SIN C . 4.84 -21.80 2.92
O2 SIN C . 5.03 -20.41 4.61
C2 SIN C . 5.45 -19.68 2.38
C3 SIN C . 5.64 -18.29 2.98
C4 SIN C . 6.24 -17.34 2.00
O3 SIN C . 5.52 -16.65 1.26
O4 SIN C . 7.44 -17.27 1.94
FE FE D . 4.58 -15.04 0.11
#